data_5V22
#
_entry.id   5V22
#
_cell.length_a   60.287
_cell.length_b   77.196
_cell.length_c   76.527
_cell.angle_alpha   90.00
_cell.angle_beta   90.00
_cell.angle_gamma   90.00
#
_symmetry.space_group_name_H-M   'P 21 21 21'
#
loop_
_entity.id
_entity.type
_entity.pdbx_description
1 polymer 'Histone-lysine N-methyltransferase SETD2'
2 polymer 'Histone H3K36M peptide'
3 non-polymer 'ZINC ION'
4 non-polymer S-ADENOSYL-L-HOMOCYSTEINE
5 water water
#
loop_
_entity_poly.entity_id
_entity_poly.type
_entity_poly.pdbx_seq_one_letter_code
_entity_poly.pdbx_strand_id
1 'polypeptide(L)'
;MHHHHHHSSGRENLYFQGHMETSVPPGSALVGPSCVMDDFRDPQRWKECAKQGKMPCYFDLIEENVYLTERKKNKSHRDI
KRMQCECTPLSKDERAQGEIACGEDCLNRLLMIECSSRCPNGDYCSNRRFQRKQHADVEVILTEKKGWGLRAAKDLPSNT
FVLEYCGEVLDHKEFKARVKEYARNKNIHYYFMALKNDEIIDATQKGNCSRFMNHSCEPNCETQKWTVNGQLRVGFFTTK
LVPSGSELTFDYQFQRYGKEAQKCFCGSANCRGYLGGENRVSIRAAGGKMKKERSRK
;
A
2 'polypeptide(L)' APATGGVMKPHRYRP B
#
# COMPACT_ATOMS: atom_id res chain seq x y z
N PRO A 33 -12.71 -15.76 -9.38
CA PRO A 33 -13.05 -14.43 -9.90
C PRO A 33 -11.87 -13.46 -9.79
N SER A 34 -11.64 -12.67 -10.84
CA SER A 34 -10.63 -11.63 -10.79
C SER A 34 -11.04 -10.44 -11.63
N CYS A 35 -10.38 -9.31 -11.40
CA CYS A 35 -10.69 -8.11 -12.14
C CYS A 35 -9.44 -7.26 -12.27
N VAL A 36 -9.39 -6.42 -13.30
CA VAL A 36 -8.27 -5.51 -13.51
C VAL A 36 -8.58 -4.18 -12.83
N MET A 37 -7.56 -3.34 -12.69
CA MET A 37 -7.74 -2.09 -11.97
C MET A 37 -8.68 -1.10 -12.69
N ASP A 38 -8.70 -1.15 -14.02
CA ASP A 38 -9.62 -0.31 -14.80
C ASP A 38 -11.09 -0.56 -14.44
N ASP A 39 -11.40 -1.77 -14.00
CA ASP A 39 -12.77 -2.12 -13.61
C ASP A 39 -13.28 -1.26 -12.45
N PHE A 40 -12.37 -0.72 -11.66
CA PHE A 40 -12.75 0.13 -10.52
C PHE A 40 -13.06 1.59 -10.90
N ARG A 41 -12.86 1.97 -12.15
CA ARG A 41 -13.12 3.36 -12.58
C ARG A 41 -14.61 3.60 -12.85
N ASP A 42 -15.34 2.54 -13.14
CA ASP A 42 -16.77 2.61 -13.41
C ASP A 42 -17.57 2.17 -12.19
N PRO A 43 -18.03 3.14 -11.39
CA PRO A 43 -18.76 2.87 -10.14
C PRO A 43 -20.04 2.07 -10.35
N GLN A 44 -20.87 2.50 -11.29
CA GLN A 44 -22.16 1.85 -11.53
C GLN A 44 -21.98 0.37 -11.87
N ARG A 45 -21.00 0.08 -12.71
CA ARG A 45 -20.74 -1.27 -13.16
C ARG A 45 -19.98 -2.08 -12.11
N TRP A 46 -19.06 -1.41 -11.42
CA TRP A 46 -18.39 -1.97 -10.27
C TRP A 46 -19.45 -2.45 -9.28
N LYS A 47 -20.38 -1.56 -8.95
CA LYS A 47 -21.41 -1.88 -7.95
C LYS A 47 -22.22 -3.12 -8.30
N GLU A 48 -22.65 -3.25 -9.55
CA GLU A 48 -23.49 -4.38 -9.93
C GLU A 48 -22.65 -5.65 -10.12
N CYS A 49 -21.39 -5.48 -10.51
CA CYS A 49 -20.45 -6.60 -10.50
C CYS A 49 -20.31 -7.13 -9.09
N ALA A 50 -20.37 -6.23 -8.11
CA ALA A 50 -20.24 -6.61 -6.72
C ALA A 50 -21.44 -7.41 -6.23
N LYS A 51 -22.62 -7.12 -6.78
CA LYS A 51 -23.83 -7.83 -6.42
C LYS A 51 -23.71 -9.31 -6.78
N GLN A 52 -23.02 -9.58 -7.87
CA GLN A 52 -22.85 -10.95 -8.34
C GLN A 52 -21.53 -11.57 -7.87
N GLY A 53 -20.90 -10.91 -6.90
CA GLY A 53 -19.67 -11.40 -6.32
C GLY A 53 -18.50 -11.43 -7.29
N LYS A 54 -18.57 -10.64 -8.35
CA LYS A 54 -17.51 -10.63 -9.37
C LYS A 54 -16.42 -9.61 -9.07
N MET A 55 -16.71 -8.67 -8.17
CA MET A 55 -15.74 -7.69 -7.70
C MET A 55 -15.91 -7.50 -6.20
N PRO A 56 -14.83 -7.07 -5.52
CA PRO A 56 -14.92 -6.79 -4.08
C PRO A 56 -15.90 -5.67 -3.80
N CYS A 57 -16.33 -5.58 -2.56
CA CYS A 57 -17.29 -4.56 -2.14
C CYS A 57 -16.81 -3.15 -2.49
N TYR A 58 -17.77 -2.25 -2.70
CA TYR A 58 -17.46 -0.89 -3.16
C TYR A 58 -16.81 0.00 -2.09
N PHE A 59 -15.82 0.78 -2.51
CA PHE A 59 -15.24 1.84 -1.68
C PHE A 59 -14.96 3.04 -2.58
N ASP A 60 -14.59 4.18 -2.00
CA ASP A 60 -14.29 5.37 -2.79
C ASP A 60 -12.88 5.34 -3.34
N LEU A 61 -12.78 5.30 -4.67
CA LEU A 61 -11.48 5.31 -5.34
C LEU A 61 -10.90 6.72 -5.37
N ILE A 62 -9.70 6.90 -4.82
CA ILE A 62 -9.04 8.20 -4.80
C ILE A 62 -7.63 8.11 -5.38
N GLU A 63 -7.16 9.23 -5.95
CA GLU A 63 -5.88 9.28 -6.64
C GLU A 63 -4.72 9.62 -5.71
N GLU A 64 -5.03 10.11 -4.52
CA GLU A 64 -4.01 10.50 -3.56
C GLU A 64 -4.62 10.63 -2.18
N ASN A 65 -3.75 10.69 -1.18
CA ASN A 65 -4.19 10.81 0.21
C ASN A 65 -5.04 12.05 0.47
N VAL A 66 -6.13 11.85 1.22
CA VAL A 66 -6.97 12.97 1.64
C VAL A 66 -6.90 13.16 3.16
N TYR A 67 -6.56 14.37 3.59
CA TYR A 67 -6.47 14.70 5.00
C TYR A 67 -7.81 15.15 5.61
N LEU A 68 -8.20 14.51 6.70
CA LEU A 68 -9.40 14.91 7.44
C LEU A 68 -9.17 16.25 8.14
N THR A 69 -7.97 16.44 8.68
CA THR A 69 -7.54 17.76 9.12
C THR A 69 -6.16 18.05 8.56
N GLU A 70 -6.03 19.22 7.92
CA GLU A 70 -4.81 19.60 7.23
C GLU A 70 -3.72 19.99 8.22
N ARG A 71 -2.47 19.99 7.74
CA ARG A 71 -1.32 20.29 8.60
C ARG A 71 -0.39 21.33 7.95
N GLN A 84 15.24 18.90 -5.10
CA GLN A 84 15.92 19.08 -6.39
C GLN A 84 17.24 18.32 -6.48
N CYS A 85 17.32 17.36 -7.41
CA CYS A 85 18.50 16.50 -7.51
C CYS A 85 19.65 17.14 -8.29
N GLU A 86 20.78 16.44 -8.37
CA GLU A 86 21.96 16.96 -9.06
C GLU A 86 22.31 16.10 -10.27
N CYS A 87 21.33 15.39 -10.81
CA CYS A 87 21.55 14.57 -11.99
C CYS A 87 21.91 15.45 -13.19
N THR A 88 22.79 14.95 -14.05
CA THR A 88 23.10 15.63 -15.30
C THR A 88 22.09 15.22 -16.37
N PRO A 89 21.41 16.21 -16.96
CA PRO A 89 20.31 16.02 -17.92
C PRO A 89 20.72 15.12 -19.09
N LEU A 90 19.91 14.12 -19.38
CA LEU A 90 20.14 13.24 -20.53
C LEU A 90 20.06 13.99 -21.85
N SER A 91 21.00 13.71 -22.74
CA SER A 91 20.91 14.17 -24.12
C SER A 91 19.77 13.44 -24.82
N LYS A 92 19.34 13.96 -25.97
CA LYS A 92 18.29 13.31 -26.73
C LYS A 92 18.78 11.94 -27.21
N ASP A 93 20.07 11.85 -27.48
CA ASP A 93 20.68 10.62 -27.96
C ASP A 93 20.69 9.52 -26.91
N GLU A 94 20.99 9.88 -25.66
CA GLU A 94 21.01 8.93 -24.56
C GLU A 94 19.60 8.44 -24.29
N ARG A 95 18.65 9.36 -24.43
CA ARG A 95 17.24 9.06 -24.32
C ARG A 95 16.84 8.00 -25.35
N ALA A 96 17.28 8.20 -26.59
CA ALA A 96 16.97 7.26 -27.66
C ALA A 96 17.69 5.93 -27.48
N GLN A 97 18.80 5.95 -26.75
CA GLN A 97 19.57 4.73 -26.51
C GLN A 97 18.99 3.90 -25.37
N GLY A 98 18.04 4.49 -24.65
CA GLY A 98 17.37 3.78 -23.57
C GLY A 98 17.96 4.07 -22.20
N GLU A 99 18.78 5.11 -22.12
CA GLU A 99 19.35 5.56 -20.86
C GLU A 99 18.24 5.97 -19.88
N ILE A 100 18.50 5.77 -18.59
CA ILE A 100 17.51 6.08 -17.56
C ILE A 100 17.75 7.45 -16.97
N ALA A 101 16.72 8.29 -16.97
CA ALA A 101 16.80 9.59 -16.33
C ALA A 101 16.47 9.48 -14.84
N CYS A 102 17.40 9.92 -14.00
CA CYS A 102 17.24 9.84 -12.55
C CYS A 102 17.07 8.41 -12.10
N GLY A 103 18.00 7.55 -12.52
CA GLY A 103 17.99 6.15 -12.12
C GLY A 103 18.72 5.92 -10.82
N GLU A 104 19.52 4.86 -10.78
CA GLU A 104 20.16 4.40 -9.55
C GLU A 104 20.95 5.47 -8.81
N ASP A 105 21.54 6.40 -9.55
CA ASP A 105 22.47 7.37 -8.96
C ASP A 105 21.85 8.73 -8.65
N CYS A 106 20.55 8.84 -8.83
CA CYS A 106 19.86 10.10 -8.52
C CYS A 106 19.84 10.35 -7.02
N LEU A 107 20.28 11.53 -6.61
CA LEU A 107 20.38 11.87 -5.20
C LEU A 107 19.01 11.90 -4.52
N ASN A 108 17.97 12.22 -5.28
CA ASN A 108 16.63 12.23 -4.74
C ASN A 108 16.13 10.81 -4.52
N ARG A 109 16.25 9.98 -5.56
CA ARG A 109 15.83 8.60 -5.48
C ARG A 109 16.46 7.93 -4.25
N LEU A 110 17.77 8.08 -4.11
CA LEU A 110 18.52 7.47 -3.02
C LEU A 110 17.94 7.77 -1.63
N LEU A 111 17.43 8.97 -1.43
CA LEU A 111 16.85 9.36 -0.15
C LEU A 111 15.35 9.18 -0.16
N MET A 112 14.86 8.46 -1.17
CA MET A 112 13.42 8.19 -1.27
C MET A 112 12.60 9.48 -1.31
N ILE A 113 13.08 10.41 -2.13
CA ILE A 113 12.35 11.62 -2.44
C ILE A 113 12.04 11.59 -3.93
N GLU A 114 10.81 11.90 -4.33
CA GLU A 114 10.50 12.03 -5.75
C GLU A 114 10.88 13.43 -6.25
N CYS A 115 11.26 13.51 -7.53
CA CYS A 115 11.54 14.79 -8.18
C CYS A 115 10.24 15.49 -8.53
N SER A 116 10.30 16.80 -8.69
CA SER A 116 9.13 17.57 -9.09
C SER A 116 9.15 17.77 -10.61
N SER A 117 8.27 18.63 -11.09
CA SER A 117 8.25 18.98 -12.50
C SER A 117 9.50 19.78 -12.90
N ARG A 118 10.22 20.30 -11.90
CA ARG A 118 11.39 21.15 -12.14
C ARG A 118 12.68 20.32 -12.23
N CYS A 119 12.54 19.00 -12.21
CA CYS A 119 13.69 18.12 -12.33
C CYS A 119 14.53 18.43 -13.58
N PRO A 120 15.87 18.38 -13.44
CA PRO A 120 16.79 18.60 -14.56
C PRO A 120 16.45 17.75 -15.79
N ASN A 121 15.92 16.54 -15.58
CA ASN A 121 15.56 15.67 -16.70
C ASN A 121 14.14 15.94 -17.20
N GLY A 122 13.42 16.80 -16.50
CA GLY A 122 12.09 17.19 -16.92
C GLY A 122 11.15 16.02 -17.15
N ASP A 123 10.56 15.99 -18.34
CA ASP A 123 9.57 14.97 -18.71
C ASP A 123 10.09 13.56 -18.50
N TYR A 124 11.37 13.35 -18.79
CA TYR A 124 11.92 12.00 -18.80
C TYR A 124 12.32 11.45 -17.42
N CYS A 125 12.18 12.26 -16.37
CA CYS A 125 12.51 11.81 -15.03
C CYS A 125 11.77 10.53 -14.68
N SER A 126 12.50 9.46 -14.37
CA SER A 126 11.88 8.19 -14.00
C SER A 126 11.65 8.09 -12.49
N ASN A 127 11.87 9.19 -11.78
CA ASN A 127 11.75 9.23 -10.32
C ASN A 127 10.51 10.01 -9.86
N ARG A 128 9.41 9.84 -10.59
CA ARG A 128 8.15 10.47 -10.22
C ARG A 128 7.01 9.44 -10.29
N ARG A 129 7.33 8.21 -9.89
CA ARG A 129 6.38 7.10 -9.95
C ARG A 129 5.07 7.33 -9.19
N PHE A 130 5.15 7.75 -7.93
CA PHE A 130 3.94 8.02 -7.15
C PHE A 130 3.06 9.07 -7.86
N GLN A 131 3.68 10.13 -8.36
CA GLN A 131 2.91 11.24 -8.91
C GLN A 131 2.30 10.90 -10.26
N ARG A 132 2.99 10.06 -11.02
CA ARG A 132 2.51 9.66 -12.34
C ARG A 132 1.70 8.37 -12.29
N LYS A 133 1.49 7.84 -11.08
CA LYS A 133 0.70 6.63 -10.89
C LYS A 133 1.23 5.49 -11.76
N GLN A 134 2.54 5.33 -11.77
CA GLN A 134 3.18 4.33 -12.62
C GLN A 134 3.25 2.96 -11.95
N HIS A 135 2.08 2.48 -11.53
CA HIS A 135 1.96 1.23 -10.80
C HIS A 135 2.36 0.03 -11.67
N ALA A 136 2.57 -1.11 -11.02
CA ALA A 136 2.84 -2.36 -11.71
C ALA A 136 1.56 -2.89 -12.36
N ASP A 137 1.70 -3.85 -13.26
CA ASP A 137 0.53 -4.49 -13.85
C ASP A 137 -0.02 -5.53 -12.88
N VAL A 138 -1.14 -5.20 -12.25
CA VAL A 138 -1.64 -5.95 -11.11
C VAL A 138 -3.13 -6.25 -11.23
N GLU A 139 -3.54 -7.38 -10.67
CA GLU A 139 -4.94 -7.79 -10.71
C GLU A 139 -5.48 -8.01 -9.31
N VAL A 140 -6.78 -7.85 -9.14
CA VAL A 140 -7.43 -8.11 -7.86
C VAL A 140 -8.18 -9.43 -7.94
N ILE A 141 -7.85 -10.34 -7.03
CA ILE A 141 -8.37 -11.71 -7.08
C ILE A 141 -9.01 -12.13 -5.75
N LEU A 142 -10.04 -12.95 -5.83
CA LEU A 142 -10.65 -13.51 -4.63
C LEU A 142 -9.86 -14.73 -4.15
N THR A 143 -9.37 -14.69 -2.91
CA THR A 143 -8.63 -15.80 -2.36
C THR A 143 -9.55 -16.75 -1.58
N GLU A 144 -8.99 -17.89 -1.18
CA GLU A 144 -9.74 -18.90 -0.45
C GLU A 144 -10.29 -18.42 0.89
N LYS A 145 -9.43 -17.89 1.75
CA LYS A 145 -9.82 -17.55 3.11
C LYS A 145 -9.51 -16.12 3.57
N LYS A 146 -8.81 -15.34 2.75
CA LYS A 146 -8.31 -14.04 3.21
C LYS A 146 -9.07 -12.86 2.61
N GLY A 147 -10.15 -13.14 1.89
CA GLY A 147 -10.85 -12.10 1.15
C GLY A 147 -10.18 -11.85 -0.19
N TRP A 148 -10.31 -10.64 -0.71
CA TRP A 148 -9.69 -10.33 -2.00
C TRP A 148 -8.21 -10.01 -1.80
N GLY A 149 -7.43 -10.17 -2.87
CA GLY A 149 -5.99 -9.95 -2.79
C GLY A 149 -5.43 -9.38 -4.08
N LEU A 150 -4.11 -9.23 -4.12
CA LEU A 150 -3.46 -8.74 -5.33
C LEU A 150 -2.57 -9.81 -5.94
N ARG A 151 -2.41 -9.73 -7.25
CA ARG A 151 -1.68 -10.75 -7.99
C ARG A 151 -0.94 -10.09 -9.15
N ALA A 152 0.31 -10.51 -9.36
CA ALA A 152 1.10 -10.03 -10.48
C ALA A 152 0.50 -10.54 -11.80
N ALA A 153 0.31 -9.63 -12.74
CA ALA A 153 -0.17 -9.99 -14.08
C ALA A 153 1.00 -10.16 -15.05
N LYS A 154 2.15 -9.63 -14.66
CA LYS A 154 3.40 -9.83 -15.39
C LYS A 154 4.49 -10.16 -14.39
N ASP A 155 5.62 -10.67 -14.88
CA ASP A 155 6.78 -10.81 -14.02
C ASP A 155 7.14 -9.45 -13.44
N LEU A 156 7.48 -9.41 -12.16
CA LEU A 156 7.85 -8.17 -11.50
C LEU A 156 9.27 -8.23 -10.98
N PRO A 157 10.19 -7.52 -11.66
CA PRO A 157 11.59 -7.40 -11.21
C PRO A 157 11.67 -7.03 -9.74
N SER A 158 12.74 -7.45 -9.08
CA SER A 158 13.00 -7.04 -7.71
C SER A 158 13.05 -5.52 -7.60
N ASN A 159 12.58 -4.99 -6.48
CA ASN A 159 12.59 -3.55 -6.24
C ASN A 159 11.70 -2.75 -7.20
N THR A 160 10.65 -3.38 -7.69
CA THR A 160 9.66 -2.71 -8.54
C THR A 160 8.58 -2.04 -7.70
N PHE A 161 8.24 -0.81 -8.06
CA PHE A 161 7.11 -0.11 -7.44
C PHE A 161 5.80 -0.79 -7.83
N VAL A 162 4.94 -1.02 -6.85
CA VAL A 162 3.68 -1.74 -7.08
C VAL A 162 2.49 -0.80 -7.08
N LEU A 163 2.24 -0.17 -5.94
CA LEU A 163 1.14 0.76 -5.75
C LEU A 163 1.42 1.64 -4.55
N GLU A 164 0.80 2.82 -4.51
CA GLU A 164 0.80 3.62 -3.29
C GLU A 164 -0.35 3.18 -2.38
N TYR A 165 -0.10 3.13 -1.09
CA TYR A 165 -1.17 2.90 -0.13
C TYR A 165 -1.88 4.22 0.17
N CYS A 166 -2.93 4.52 -0.59
CA CYS A 166 -3.70 5.75 -0.42
C CYS A 166 -4.86 5.55 0.54
N GLY A 167 -5.29 6.63 1.19
CA GLY A 167 -6.44 6.58 2.07
C GLY A 167 -6.69 7.91 2.76
N GLU A 168 -7.55 7.89 3.78
CA GLU A 168 -7.78 9.10 4.58
C GLU A 168 -6.75 9.14 5.70
N VAL A 169 -6.08 10.28 5.85
CA VAL A 169 -5.08 10.42 6.89
C VAL A 169 -5.73 10.95 8.17
N LEU A 170 -5.51 10.23 9.27
CA LEU A 170 -6.17 10.54 10.53
C LEU A 170 -5.16 10.97 11.57
N ASP A 171 -5.59 11.83 12.49
CA ASP A 171 -4.81 12.08 13.69
C ASP A 171 -5.37 11.21 14.82
N HIS A 172 -4.78 11.28 16.01
CA HIS A 172 -5.17 10.40 17.11
C HIS A 172 -6.67 10.44 17.41
N LYS A 173 -7.24 11.63 17.49
CA LYS A 173 -8.67 11.76 17.77
C LYS A 173 -9.51 11.01 16.73
N GLU A 174 -9.19 11.24 15.46
CA GLU A 174 -9.92 10.65 14.35
C GLU A 174 -9.73 9.13 14.31
N PHE A 175 -8.52 8.69 14.62
CA PHE A 175 -8.20 7.26 14.65
C PHE A 175 -9.05 6.55 15.69
N LYS A 176 -9.05 7.10 16.91
CA LYS A 176 -9.85 6.51 17.99
C LYS A 176 -11.34 6.44 17.65
N ALA A 177 -11.85 7.51 17.04
CA ALA A 177 -13.23 7.56 16.60
C ALA A 177 -13.54 6.42 15.62
N ARG A 178 -12.60 6.13 14.74
CA ARG A 178 -12.83 5.09 13.73
C ARG A 178 -12.56 3.68 14.26
N VAL A 179 -11.64 3.57 15.21
CA VAL A 179 -11.48 2.30 15.92
C VAL A 179 -12.83 1.86 16.47
N LYS A 180 -13.54 2.79 17.12
CA LYS A 180 -14.84 2.48 17.68
C LYS A 180 -15.86 2.14 16.59
N GLU A 181 -15.97 3.00 15.59
CA GLU A 181 -16.94 2.78 14.52
C GLU A 181 -16.76 1.41 13.86
N TYR A 182 -15.51 1.06 13.58
CA TYR A 182 -15.23 -0.19 12.87
C TYR A 182 -15.51 -1.40 13.76
N ALA A 183 -15.28 -1.24 15.06
CA ALA A 183 -15.62 -2.27 16.03
C ALA A 183 -17.13 -2.41 16.17
N ARG A 184 -17.84 -1.29 16.33
CA ARG A 184 -19.31 -1.32 16.41
C ARG A 184 -19.91 -2.02 15.21
N ASN A 185 -19.38 -1.72 14.03
CA ASN A 185 -19.87 -2.30 12.78
C ASN A 185 -19.43 -3.75 12.60
N LYS A 186 -18.53 -4.20 13.45
CA LYS A 186 -18.06 -5.58 13.38
C LYS A 186 -17.35 -5.86 12.07
N ASN A 187 -16.59 -4.89 11.60
CA ASN A 187 -15.73 -5.06 10.43
C ASN A 187 -14.80 -6.27 10.61
N ILE A 188 -14.53 -6.97 9.52
CA ILE A 188 -13.56 -8.06 9.59
C ILE A 188 -12.19 -7.58 9.14
N HIS A 189 -12.11 -7.02 7.94
CA HIS A 189 -10.84 -6.50 7.44
C HIS A 189 -10.51 -5.15 8.06
N TYR A 190 -9.22 -4.90 8.27
CA TYR A 190 -8.77 -3.61 8.77
C TYR A 190 -7.72 -3.02 7.83
N TYR A 191 -7.69 -1.69 7.77
CA TYR A 191 -6.93 -1.00 6.73
C TYR A 191 -6.13 0.19 7.27
N PHE A 192 -5.73 0.10 8.54
CA PHE A 192 -4.95 1.16 9.16
C PHE A 192 -3.47 0.99 8.85
N MET A 193 -2.84 2.05 8.37
CA MET A 193 -1.41 2.05 8.10
C MET A 193 -0.75 3.25 8.79
N ALA A 194 0.22 2.95 9.67
CA ALA A 194 0.98 4.01 10.34
C ALA A 194 1.88 4.73 9.34
N LEU A 195 1.73 6.04 9.26
CA LEU A 195 2.53 6.85 8.34
C LEU A 195 3.61 7.58 9.13
N LYS A 196 3.18 8.45 10.03
CA LYS A 196 4.07 9.06 11.00
C LYS A 196 3.34 9.22 12.34
N ASN A 197 4.02 9.78 13.32
CA ASN A 197 3.52 9.83 14.69
C ASN A 197 2.03 10.17 14.83
N ASP A 198 1.60 11.27 14.22
CA ASP A 198 0.21 11.70 14.32
C ASP A 198 -0.54 11.52 13.00
N GLU A 199 -0.05 10.60 12.17
CA GLU A 199 -0.68 10.34 10.88
C GLU A 199 -0.85 8.84 10.59
N ILE A 200 -2.10 8.37 10.66
CA ILE A 200 -2.44 7.03 10.23
C ILE A 200 -3.24 7.04 8.93
N ILE A 201 -2.85 6.19 7.99
CA ILE A 201 -3.59 6.07 6.74
C ILE A 201 -4.67 5.01 6.84
N ASP A 202 -5.89 5.41 6.50
CA ASP A 202 -7.05 4.55 6.65
C ASP A 202 -7.75 4.38 5.30
N ALA A 203 -7.62 3.20 4.71
CA ALA A 203 -8.18 2.93 3.39
C ALA A 203 -9.48 2.12 3.47
N THR A 204 -10.14 2.16 4.61
CA THR A 204 -11.37 1.41 4.78
C THR A 204 -12.48 1.92 3.88
N GLN A 205 -12.68 3.24 3.89
CA GLN A 205 -13.77 3.86 3.16
C GLN A 205 -13.29 4.46 1.83
N LYS A 206 -12.03 4.90 1.82
CA LYS A 206 -11.45 5.55 0.67
C LYS A 206 -10.03 5.06 0.49
N GLY A 207 -9.66 4.80 -0.75
CA GLY A 207 -8.33 4.34 -1.07
C GLY A 207 -8.23 3.84 -2.50
N ASN A 208 -7.31 2.93 -2.73
CA ASN A 208 -7.17 2.30 -4.03
C ASN A 208 -6.91 0.80 -3.86
N CYS A 209 -6.57 0.12 -4.96
CA CYS A 209 -6.44 -1.32 -4.94
C CYS A 209 -5.31 -1.83 -4.03
N SER A 210 -4.49 -0.92 -3.53
CA SER A 210 -3.44 -1.31 -2.62
C SER A 210 -4.04 -1.87 -1.33
N ARG A 211 -5.26 -1.47 -1.01
CA ARG A 211 -5.93 -1.94 0.20
C ARG A 211 -6.18 -3.45 0.18
N PHE A 212 -5.88 -4.10 -0.95
CA PHE A 212 -6.13 -5.53 -1.10
C PHE A 212 -4.91 -6.43 -0.88
N MET A 213 -3.74 -5.85 -0.68
CA MET A 213 -2.55 -6.66 -0.50
C MET A 213 -2.58 -7.39 0.84
N ASN A 214 -2.58 -8.71 0.80
CA ASN A 214 -2.67 -9.49 2.03
C ASN A 214 -1.34 -9.65 2.75
N HIS A 215 -1.41 -10.02 4.02
CA HIS A 215 -0.21 -10.21 4.81
C HIS A 215 0.41 -11.56 4.51
N SER A 216 1.74 -11.63 4.53
CA SER A 216 2.43 -12.90 4.62
C SER A 216 3.64 -12.83 5.53
N CYS A 217 3.82 -13.88 6.33
CA CYS A 217 4.97 -14.00 7.20
C CYS A 217 6.24 -14.20 6.40
N GLU A 218 6.09 -14.42 5.10
CA GLU A 218 7.22 -14.59 4.20
C GLU A 218 6.91 -13.93 2.84
N PRO A 219 6.84 -12.60 2.83
CA PRO A 219 6.26 -11.81 1.73
C PRO A 219 7.22 -11.56 0.58
N ASN A 220 6.67 -11.05 -0.51
CA ASN A 220 7.45 -10.68 -1.68
C ASN A 220 7.38 -9.18 -1.97
N CYS A 221 6.82 -8.43 -1.02
CA CYS A 221 6.80 -6.96 -1.08
C CYS A 221 7.11 -6.34 0.28
N GLU A 222 7.37 -5.03 0.26
CA GLU A 222 7.60 -4.27 1.48
C GLU A 222 7.03 -2.87 1.31
N THR A 223 6.85 -2.18 2.42
CA THR A 223 6.55 -0.75 2.41
C THR A 223 7.82 0.07 2.24
N GLN A 224 7.68 1.20 1.58
CA GLN A 224 8.74 2.21 1.53
C GLN A 224 8.06 3.56 1.66
N LYS A 225 8.59 4.40 2.54
CA LYS A 225 8.04 5.74 2.73
C LYS A 225 8.76 6.70 1.80
N TRP A 226 7.99 7.45 1.03
CA TRP A 226 8.56 8.37 0.06
C TRP A 226 8.09 9.80 0.29
N THR A 227 9.02 10.73 0.17
CA THR A 227 8.69 12.14 0.26
C THR A 227 8.26 12.64 -1.11
N VAL A 228 7.01 13.10 -1.18
CA VAL A 228 6.45 13.64 -2.41
C VAL A 228 5.81 14.99 -2.13
N ASN A 229 6.47 16.06 -2.57
CA ASN A 229 5.96 17.42 -2.34
C ASN A 229 5.98 17.84 -0.88
N GLY A 230 7.02 17.46 -0.15
CA GLY A 230 7.11 17.78 1.26
C GLY A 230 6.14 16.98 2.11
N GLN A 231 5.46 16.03 1.50
CA GLN A 231 4.54 15.16 2.22
C GLN A 231 5.01 13.71 2.15
N LEU A 232 4.79 12.95 3.21
CA LEU A 232 5.22 11.56 3.24
C LEU A 232 4.13 10.63 2.69
N ARG A 233 4.52 9.69 1.85
CA ARG A 233 3.60 8.70 1.30
C ARG A 233 4.20 7.33 1.51
N VAL A 234 3.36 6.31 1.65
CA VAL A 234 3.82 4.94 1.69
C VAL A 234 3.46 4.23 0.40
N GLY A 235 4.37 3.40 -0.11
CA GLY A 235 4.10 2.58 -1.27
C GLY A 235 4.67 1.18 -1.13
N PHE A 236 4.06 0.22 -1.81
CA PHE A 236 4.58 -1.15 -1.80
C PHE A 236 5.57 -1.33 -2.95
N PHE A 237 6.68 -2.00 -2.66
CA PHE A 237 7.67 -2.36 -3.67
C PHE A 237 8.00 -3.84 -3.53
N THR A 238 8.20 -4.53 -4.64
CA THR A 238 8.59 -5.93 -4.57
C THR A 238 9.96 -6.04 -3.93
N THR A 239 10.21 -7.14 -3.25
CA THR A 239 11.50 -7.37 -2.62
C THR A 239 12.29 -8.41 -3.42
N LYS A 240 11.63 -8.99 -4.40
CA LYS A 240 12.26 -10.00 -5.25
C LYS A 240 11.51 -10.15 -6.56
N LEU A 241 12.08 -10.93 -7.47
CA LEU A 241 11.39 -11.27 -8.70
C LEU A 241 10.08 -11.97 -8.33
N VAL A 242 8.97 -11.42 -8.78
CA VAL A 242 7.68 -12.04 -8.57
C VAL A 242 7.10 -12.52 -9.90
N PRO A 243 7.10 -13.83 -10.13
CA PRO A 243 6.58 -14.40 -11.37
C PRO A 243 5.13 -14.00 -11.63
N SER A 244 4.77 -13.86 -12.89
CA SER A 244 3.40 -13.59 -13.27
C SER A 244 2.48 -14.61 -12.61
N GLY A 245 1.32 -14.16 -12.16
CA GLY A 245 0.35 -15.04 -11.52
C GLY A 245 0.50 -15.18 -10.02
N SER A 246 1.67 -14.85 -9.48
CA SER A 246 1.91 -14.94 -8.04
C SER A 246 1.15 -13.87 -7.26
N GLU A 247 0.58 -14.25 -6.11
CA GLU A 247 -0.06 -13.30 -5.22
C GLU A 247 0.97 -12.35 -4.62
N LEU A 248 0.54 -11.11 -4.39
CA LEU A 248 1.43 -10.08 -3.84
C LEU A 248 1.17 -9.85 -2.37
N THR A 249 2.22 -9.91 -1.58
CA THR A 249 2.08 -9.86 -0.14
C THR A 249 3.15 -8.96 0.50
N PHE A 250 2.79 -8.37 1.64
CA PHE A 250 3.82 -7.80 2.50
C PHE A 250 3.59 -8.24 3.93
N ASP A 251 4.60 -8.00 4.76
CA ASP A 251 4.55 -8.36 6.16
C ASP A 251 3.96 -7.19 6.94
N TYR A 252 2.73 -7.35 7.42
CA TYR A 252 2.01 -6.30 8.14
C TYR A 252 2.76 -5.74 9.35
N GLN A 253 3.54 -6.58 10.01
CA GLN A 253 4.12 -6.23 11.29
C GLN A 253 3.00 -5.65 12.14
N PHE A 254 1.87 -6.37 12.12
CA PHE A 254 0.61 -5.88 12.63
C PHE A 254 0.65 -5.59 14.14
N GLN A 255 0.17 -4.40 14.51
CA GLN A 255 0.05 -4.03 15.91
C GLN A 255 -1.40 -4.21 16.36
N ARG A 256 -1.73 -5.39 16.89
CA ARG A 256 -3.10 -5.73 17.24
C ARG A 256 -3.54 -5.15 18.57
N TYR A 257 -4.62 -4.39 18.56
CA TYR A 257 -5.20 -3.88 19.79
C TYR A 257 -6.46 -4.67 20.15
N GLY A 258 -6.94 -5.49 19.21
CA GLY A 258 -8.14 -6.29 19.41
C GLY A 258 -7.97 -7.37 20.48
N LYS A 259 -9.07 -7.74 21.11
CA LYS A 259 -9.06 -8.75 22.16
C LYS A 259 -8.60 -10.10 21.60
N GLU A 260 -9.10 -10.42 20.42
CA GLU A 260 -8.76 -11.68 19.75
C GLU A 260 -8.01 -11.41 18.45
N ALA A 261 -6.91 -12.13 18.25
CA ALA A 261 -6.12 -11.97 17.04
C ALA A 261 -6.63 -12.88 15.93
N GLN A 262 -6.57 -12.38 14.70
CA GLN A 262 -7.02 -13.15 13.55
C GLN A 262 -5.97 -14.19 13.17
N LYS A 263 -6.42 -15.33 12.67
CA LYS A 263 -5.51 -16.39 12.25
C LYS A 263 -4.92 -16.07 10.88
N CYS A 264 -3.62 -16.31 10.73
CA CYS A 264 -2.95 -16.04 9.47
C CYS A 264 -2.98 -17.25 8.54
N PHE A 265 -3.43 -17.05 7.31
CA PHE A 265 -3.46 -18.14 6.34
C PHE A 265 -2.45 -17.96 5.22
N CYS A 266 -1.34 -17.29 5.49
CA CYS A 266 -0.32 -17.06 4.48
C CYS A 266 0.28 -18.37 3.98
N GLY A 267 0.33 -19.36 4.87
CA GLY A 267 0.77 -20.70 4.51
C GLY A 267 2.27 -20.88 4.43
N SER A 268 3.01 -19.89 4.92
CA SER A 268 4.47 -19.98 4.96
C SER A 268 4.94 -21.00 6.00
N ALA A 269 6.14 -21.53 5.79
CA ALA A 269 6.74 -22.48 6.72
C ALA A 269 7.11 -21.79 8.03
N ASN A 270 7.22 -20.48 7.98
CA ASN A 270 7.57 -19.68 9.15
C ASN A 270 6.38 -18.91 9.69
N CYS A 271 5.17 -19.28 9.25
CA CYS A 271 3.96 -18.57 9.65
C CYS A 271 3.84 -18.43 11.17
N ARG A 272 3.33 -17.27 11.61
CA ARG A 272 3.24 -16.96 13.04
C ARG A 272 1.89 -17.28 13.64
N GLY A 273 1.00 -17.88 12.85
CA GLY A 273 -0.32 -18.27 13.32
C GLY A 273 -1.35 -17.14 13.38
N TYR A 274 -0.93 -15.95 13.75
CA TYR A 274 -1.87 -14.84 13.84
C TYR A 274 -1.35 -13.50 13.37
N LEU A 275 -2.27 -12.63 12.98
CA LEU A 275 -1.93 -11.29 12.53
C LEU A 275 -1.76 -10.44 13.79
N GLY A 276 -0.53 -10.00 14.04
CA GLY A 276 -0.22 -9.22 15.21
C GLY A 276 0.85 -9.97 15.96
N GLY A 277 0.87 -11.28 15.77
CA GLY A 277 1.84 -12.15 16.40
C GLY A 277 1.42 -12.62 17.78
N GLU A 278 2.36 -12.65 18.71
CA GLU A 278 2.06 -13.10 20.07
C GLU A 278 1.33 -12.03 20.88
N ASN A 279 1.78 -10.79 20.75
CA ASN A 279 1.38 -9.73 21.67
C ASN A 279 0.18 -8.90 21.27
N ARG A 280 -0.54 -8.43 22.27
CA ARG A 280 -1.61 -7.47 22.10
C ARG A 280 -1.14 -6.14 22.67
N VAL A 281 -1.29 -5.06 21.90
CA VAL A 281 -0.90 -3.73 22.36
C VAL A 281 -2.13 -2.87 22.63
N SER A 282 -1.92 -1.74 23.31
CA SER A 282 -2.99 -0.81 23.59
C SER A 282 -3.40 -0.09 22.32
N ILE A 283 -4.53 0.61 22.37
CA ILE A 283 -5.02 1.33 21.20
C ILE A 283 -4.09 2.47 20.85
N ARG A 284 -3.70 3.26 21.85
CA ARG A 284 -2.77 4.36 21.68
C ARG A 284 -1.45 3.92 21.08
N ALA A 285 -0.94 2.78 21.53
CA ALA A 285 0.34 2.28 21.05
C ALA A 285 0.27 1.94 19.56
N ALA A 286 -0.69 1.10 19.19
CA ALA A 286 -0.94 0.79 17.79
C ALA A 286 -1.03 2.07 16.99
N GLY A 287 -1.68 3.07 17.59
CA GLY A 287 -1.91 4.34 16.94
C GLY A 287 -0.68 5.24 16.90
N GLY A 288 0.42 4.78 17.48
CA GLY A 288 1.68 5.49 17.43
C GLY A 288 1.94 6.41 18.61
N LYS A 289 1.22 6.19 19.70
CA LYS A 289 1.36 7.00 20.91
C LYS A 289 0.72 8.39 20.74
N ALA B 1 -12.47 -3.37 24.59
CA ALA B 1 -13.76 -3.57 23.94
C ALA B 1 -13.63 -4.20 22.57
N PRO B 2 -12.95 -3.50 21.63
CA PRO B 2 -12.81 -4.01 20.26
C PRO B 2 -12.42 -5.50 20.25
N ALA B 3 -13.25 -6.33 19.63
CA ALA B 3 -12.99 -7.76 19.56
C ALA B 3 -11.79 -8.04 18.66
N THR B 4 -11.70 -7.27 17.57
CA THR B 4 -10.58 -7.36 16.64
C THR B 4 -10.15 -5.97 16.19
N GLY B 5 -8.94 -5.86 15.65
CA GLY B 5 -8.46 -4.61 15.11
C GLY B 5 -6.97 -4.39 15.33
N GLY B 6 -6.35 -3.62 14.44
CA GLY B 6 -4.94 -3.31 14.57
C GLY B 6 -4.41 -2.41 13.50
N VAL B 7 -3.13 -2.04 13.64
CA VAL B 7 -2.51 -1.11 12.70
C VAL B 7 -1.30 -1.75 12.02
N MET B 8 -1.27 -1.65 10.70
CA MET B 8 -0.14 -2.12 9.93
C MET B 8 1.02 -1.15 10.11
N LYS B 9 2.22 -1.69 10.24
CA LYS B 9 3.39 -0.85 10.55
C LYS B 9 4.49 -1.00 9.49
N PRO B 10 4.71 0.06 8.71
CA PRO B 10 5.78 0.05 7.70
C PRO B 10 7.13 -0.33 8.28
N HIS B 11 7.83 -1.19 7.56
CA HIS B 11 9.22 -1.50 7.86
C HIS B 11 9.88 -1.97 6.59
N ARG B 12 11.19 -1.77 6.49
CA ARG B 12 11.95 -2.31 5.38
C ARG B 12 12.12 -3.81 5.54
N TYR B 13 12.04 -4.56 4.45
CA TYR B 13 12.28 -6.00 4.49
C TYR B 13 13.73 -6.32 4.77
N ARG B 14 13.94 -7.25 5.70
CA ARG B 14 15.28 -7.74 6.04
C ARG B 14 15.23 -9.25 6.25
N PRO B 15 16.06 -9.99 5.51
CA PRO B 15 16.16 -11.45 5.67
C PRO B 15 16.90 -11.82 6.96
#